data_7FH4
#
_entry.id   7FH4
#
_cell.length_a   81.582
_cell.length_b   81.582
_cell.length_c   80.396
_cell.angle_alpha   90.000
_cell.angle_beta   90.000
_cell.angle_gamma   120.000
#
_symmetry.space_group_name_H-M   'P 63'
#
loop_
_entity.id
_entity.type
_entity.pdbx_description
1 polymer 'CMP/dCMP-type deaminase domain-containing protein'
2 non-polymer "2'-DEOXYCYTIDINE-5'-MONOPHOSPHATE"
3 non-polymer "2'-DEOXYCYTIDINE-5'-TRIPHOSPHATE"
4 non-polymer 'ZINC ION'
5 non-polymer 'MAGNESIUM ION'
6 water water
#
_entity_poly.entity_id   1
_entity_poly.type   'polypeptide(L)'
_entity_poly.pdbx_seq_one_letter_code
;MSKAEKFYSLACYHAQLFSKDPNTKVAALVIDNNNNIASVGYNGLPRGFEETSDRWEKPMKYNYVVHAQANAIATAARNG
VRLDGCSIITTLFPCKECSKLIIQSGIRKVITSKPCKDSSWLESFSFSNEMFDECGIEVEYL
;
_entity_poly.pdbx_strand_id   A,B
#
# COMPACT_ATOMS: atom_id res chain seq x y z
N LYS A 3 11.95 -5.05 24.90
CA LYS A 3 12.20 -5.48 23.52
C LYS A 3 11.63 -4.51 22.51
N ALA A 4 10.40 -4.03 22.73
CA ALA A 4 9.79 -3.09 21.78
C ALA A 4 10.64 -1.83 21.64
N GLU A 5 11.16 -1.29 22.75
CA GLU A 5 11.98 -0.08 22.67
C GLU A 5 13.29 -0.34 21.94
N LYS A 6 13.88 -1.53 22.12
CA LYS A 6 15.11 -1.85 21.41
C LYS A 6 14.85 -1.97 19.91
N PHE A 7 13.72 -2.59 19.53
CA PHE A 7 13.35 -2.66 18.12
C PHE A 7 13.13 -1.26 17.55
N TYR A 8 12.48 -0.38 18.31
CA TYR A 8 12.35 1.01 17.87
C TYR A 8 13.71 1.66 17.65
N SER A 9 14.66 1.46 18.58
CA SER A 9 16.00 2.02 18.37
C SER A 9 16.67 1.43 17.13
N LEU A 10 16.47 0.12 16.93
CA LEU A 10 17.03 -0.60 15.76
C LEU A 10 16.44 0.01 14.48
N ALA A 11 15.15 0.34 14.50
CA ALA A 11 14.50 0.93 13.32
C ALA A 11 15.01 2.35 13.07
N CYS A 12 15.22 3.15 14.13
CA CYS A 12 15.78 4.48 13.95
C CYS A 12 17.12 4.43 13.23
N TYR A 13 17.94 3.44 13.57
CA TYR A 13 19.25 3.33 12.96
C TYR A 13 19.14 2.91 11.51
N HIS A 14 18.25 1.95 11.24
CA HIS A 14 18.01 1.48 9.87
C HIS A 14 17.59 2.62 8.96
N ALA A 15 16.69 3.47 9.45
CA ALA A 15 16.29 4.66 8.70
C ALA A 15 17.48 5.57 8.42
N GLN A 16 18.32 5.81 9.43
CA GLN A 16 19.47 6.69 9.23
C GLN A 16 20.48 6.10 8.27
N LEU A 17 20.63 4.78 8.28
CA LEU A 17 21.60 4.13 7.41
C LEU A 17 21.16 4.16 5.94
N PHE A 18 19.88 3.93 5.65
CA PHE A 18 19.45 3.59 4.30
C PHE A 18 18.57 4.65 3.63
N SER A 19 17.76 5.39 4.36
CA SER A 19 16.83 6.31 3.71
C SER A 19 17.58 7.49 3.09
N LYS A 20 17.24 7.78 1.84
CA LYS A 20 17.79 8.94 1.14
C LYS A 20 16.90 10.18 1.24
N ASP A 21 15.81 10.12 1.97
CA ASP A 21 14.96 11.30 2.16
C ASP A 21 15.76 12.40 2.83
N PRO A 22 15.88 13.59 2.23
CA PRO A 22 16.71 14.64 2.84
C PRO A 22 16.11 15.24 4.11
N ASN A 23 14.84 15.01 4.42
CA ASN A 23 14.24 15.66 5.58
C ASN A 23 13.82 14.68 6.67
N THR A 24 13.17 13.58 6.31
CA THR A 24 12.56 12.70 7.30
C THR A 24 12.86 11.26 6.91
N LYS A 25 13.69 10.59 7.71
CA LYS A 25 14.08 9.21 7.44
C LYS A 25 13.23 8.29 8.32
N VAL A 26 12.59 7.30 7.69
CA VAL A 26 11.57 6.47 8.33
C VAL A 26 11.87 5.00 8.09
N ALA A 27 11.69 4.18 9.13
CA ALA A 27 11.83 2.74 8.97
C ALA A 27 10.79 2.02 9.85
N ALA A 28 10.50 0.77 9.50
CA ALA A 28 9.49 -0.01 10.20
C ALA A 28 9.87 -1.48 10.25
N LEU A 29 9.59 -2.13 11.37
CA LEU A 29 9.86 -3.55 11.58
C LEU A 29 8.55 -4.26 11.90
N VAL A 30 8.28 -5.37 11.21
CA VAL A 30 7.12 -6.20 11.49
C VAL A 30 7.60 -7.39 12.31
N ILE A 31 7.01 -7.58 13.49
CA ILE A 31 7.52 -8.50 14.52
C ILE A 31 6.42 -9.49 14.87
N ASP A 32 6.78 -10.77 14.97
CA ASP A 32 5.77 -11.76 15.33
C ASP A 32 5.72 -11.93 16.85
N ASN A 33 4.86 -12.83 17.30
CA ASN A 33 4.60 -12.97 18.73
C ASN A 33 5.74 -13.63 19.48
N ASN A 34 6.74 -14.17 18.78
CA ASN A 34 7.95 -14.65 19.42
C ASN A 34 9.07 -13.61 19.37
N ASN A 35 8.74 -12.36 19.01
CA ASN A 35 9.69 -11.26 18.84
C ASN A 35 10.66 -11.50 17.69
N ASN A 36 10.32 -12.36 16.74
CA ASN A 36 11.15 -12.53 15.56
C ASN A 36 10.74 -11.53 14.50
N ILE A 37 11.71 -11.13 13.68
CA ILE A 37 11.50 -10.15 12.63
C ILE A 37 10.94 -10.84 11.39
N ALA A 38 9.77 -10.42 10.96
CA ALA A 38 9.14 -10.95 9.77
C ALA A 38 9.36 -10.09 8.54
N SER A 39 9.45 -8.77 8.68
CA SER A 39 9.65 -7.90 7.54
C SER A 39 10.19 -6.54 8.00
N VAL A 40 10.86 -5.85 7.08
CA VAL A 40 11.56 -4.61 7.36
C VAL A 40 11.41 -3.70 6.15
N GLY A 41 11.23 -2.41 6.40
CA GLY A 41 11.20 -1.44 5.30
C GLY A 41 11.72 -0.09 5.73
N TYR A 42 12.10 0.71 4.74
CA TYR A 42 12.43 2.11 4.95
C TYR A 42 11.83 2.92 3.80
N ASN A 43 11.75 4.24 3.99
CA ASN A 43 11.16 5.05 2.94
C ASN A 43 12.19 5.38 1.87
N GLY A 44 11.74 5.32 0.61
CA GLY A 44 12.61 5.59 -0.52
C GLY A 44 11.81 5.57 -1.81
N LEU A 45 12.45 6.05 -2.88
CA LEU A 45 11.81 5.96 -4.19
C LEU A 45 11.76 4.49 -4.60
N PRO A 46 10.89 4.11 -5.54
CA PRO A 46 10.79 2.69 -5.89
C PRO A 46 12.13 2.18 -6.43
N ARG A 47 12.33 0.87 -6.31
CA ARG A 47 13.61 0.27 -6.67
C ARG A 47 13.93 0.50 -8.14
N GLY A 48 15.12 1.04 -8.39
CA GLY A 48 15.55 1.32 -9.74
C GLY A 48 15.07 2.64 -10.30
N PHE A 49 14.18 3.33 -9.61
CA PHE A 49 13.74 4.65 -10.05
C PHE A 49 14.88 5.65 -9.81
N GLU A 50 15.23 6.40 -10.87
CA GLU A 50 16.33 7.40 -10.79
C GLU A 50 16.06 8.34 -9.61
N GLU A 51 17.05 8.52 -8.73
CA GLU A 51 16.86 9.41 -7.57
C GLU A 51 17.61 10.72 -7.81
N THR A 52 16.90 11.72 -8.32
CA THR A 52 17.48 13.03 -8.55
C THR A 52 17.11 13.98 -7.42
N SER A 53 17.83 15.10 -7.35
CA SER A 53 17.55 16.10 -6.32
C SER A 53 16.13 16.62 -6.46
N ASP A 54 15.69 16.89 -7.70
CA ASP A 54 14.34 17.40 -7.93
C ASP A 54 13.27 16.43 -7.43
N ARG A 55 13.52 15.12 -7.60
CA ARG A 55 12.50 14.16 -7.18
C ARG A 55 12.49 13.94 -5.66
N TRP A 56 13.53 14.35 -4.94
CA TRP A 56 13.53 14.23 -3.50
C TRP A 56 13.15 15.52 -2.79
N GLU A 57 12.86 16.59 -3.52
CA GLU A 57 12.42 17.82 -2.89
C GLU A 57 10.93 17.75 -2.57
N LYS A 58 10.54 18.53 -1.59
CA LYS A 58 9.13 18.69 -1.22
C LYS A 58 8.56 19.82 -2.08
N PRO A 59 7.33 19.66 -2.62
CA PRO A 59 6.39 18.55 -2.46
C PRO A 59 6.50 17.45 -3.51
N MET A 60 7.40 17.60 -4.48
CA MET A 60 7.46 16.64 -5.59
C MET A 60 7.61 15.21 -5.10
N LYS A 61 8.36 15.01 -4.01
CA LYS A 61 8.72 13.66 -3.57
C LYS A 61 7.50 12.82 -3.21
N TYR A 62 6.40 13.44 -2.80
CA TYR A 62 5.23 12.65 -2.37
C TYR A 62 4.64 11.86 -3.53
N ASN A 63 4.82 12.33 -4.77
CA ASN A 63 4.38 11.58 -5.94
C ASN A 63 5.18 10.30 -6.14
N TYR A 64 6.37 10.20 -5.56
CA TYR A 64 7.27 9.09 -5.84
C TYR A 64 7.63 8.23 -4.64
N VAL A 65 7.64 8.77 -3.43
CA VAL A 65 8.25 8.10 -2.29
C VAL A 65 7.37 6.97 -1.78
N VAL A 66 7.96 5.82 -1.53
CA VAL A 66 7.27 4.69 -0.91
C VAL A 66 7.54 4.77 0.59
N HIS A 67 6.48 4.71 1.38
CA HIS A 67 6.60 4.80 2.83
C HIS A 67 7.17 3.52 3.42
N ALA A 68 7.81 3.66 4.58
CA ALA A 68 8.50 2.53 5.21
C ALA A 68 7.55 1.39 5.54
N GLN A 69 6.39 1.71 6.09
CA GLN A 69 5.44 0.67 6.46
C GLN A 69 4.86 0.00 5.21
N ALA A 70 4.53 0.79 4.18
CA ALA A 70 4.08 0.20 2.91
C ALA A 70 5.13 -0.73 2.32
N ASN A 71 6.41 -0.36 2.44
CA ASN A 71 7.48 -1.22 1.91
C ASN A 71 7.62 -2.51 2.70
N ALA A 72 7.52 -2.45 4.04
CA ALA A 72 7.59 -3.69 4.80
C ALA A 72 6.48 -4.65 4.39
N ILE A 73 5.31 -4.12 4.06
CA ILE A 73 4.18 -4.98 3.70
C ILE A 73 4.32 -5.46 2.25
N ALA A 74 4.73 -4.57 1.35
CA ALA A 74 4.94 -4.97 -0.04
C ALA A 74 6.04 -6.01 -0.14
N THR A 75 7.08 -5.90 0.69
CA THR A 75 8.16 -6.88 0.64
C THR A 75 7.66 -8.25 1.08
N ALA A 76 6.79 -8.28 2.09
CA ALA A 76 6.20 -9.53 2.54
C ALA A 76 5.31 -10.13 1.46
N ALA A 77 4.55 -9.29 0.74
CA ALA A 77 3.79 -9.78 -0.40
C ALA A 77 4.72 -10.32 -1.48
N ARG A 78 5.82 -9.60 -1.76
CA ARG A 78 6.74 -10.05 -2.79
C ARG A 78 7.35 -11.41 -2.46
N ASN A 79 7.74 -11.61 -1.20
CA ASN A 79 8.48 -12.79 -0.81
C ASN A 79 7.59 -13.87 -0.23
N GLY A 80 6.28 -13.63 -0.10
CA GLY A 80 5.42 -14.62 0.54
C GLY A 80 5.72 -14.86 2.01
N VAL A 81 5.96 -13.81 2.78
CA VAL A 81 6.14 -13.91 4.22
C VAL A 81 4.84 -13.50 4.89
N ARG A 82 4.28 -14.40 5.70
CA ARG A 82 2.95 -14.23 6.27
C ARG A 82 3.00 -13.23 7.43
N LEU A 83 2.25 -12.14 7.33
CA LEU A 83 2.27 -11.11 8.37
C LEU A 83 1.09 -11.16 9.33
N ASP A 84 0.11 -12.03 9.08
CA ASP A 84 -1.11 -12.03 9.88
C ASP A 84 -0.81 -12.15 11.37
N GLY A 85 -1.34 -11.24 12.17
CA GLY A 85 -1.17 -11.30 13.61
C GLY A 85 0.09 -10.64 14.16
N CYS A 86 0.98 -10.15 13.30
CA CYS A 86 2.19 -9.48 13.78
C CYS A 86 1.90 -8.06 14.29
N SER A 87 2.91 -7.49 14.95
CA SER A 87 2.93 -6.08 15.34
C SER A 87 3.88 -5.32 14.42
N ILE A 88 3.63 -4.02 14.24
CA ILE A 88 4.52 -3.19 13.42
C ILE A 88 5.12 -2.10 14.31
N ILE A 89 6.44 -2.03 14.34
CA ILE A 89 7.17 -1.02 15.09
C ILE A 89 7.74 -0.04 14.09
N THR A 90 7.38 1.23 14.23
CA THR A 90 7.71 2.20 13.20
C THR A 90 8.23 3.47 13.84
N THR A 91 9.23 4.09 13.20
CA THR A 91 9.80 5.30 13.76
C THR A 91 8.89 6.51 13.58
N LEU A 92 7.87 6.41 12.74
CA LEU A 92 6.91 7.48 12.54
C LEU A 92 5.52 6.89 12.48
N PHE A 93 4.55 7.61 13.01
CA PHE A 93 3.18 7.13 13.02
C PHE A 93 2.71 6.93 11.58
N PRO A 94 2.00 5.84 11.29
CA PRO A 94 1.59 5.58 9.90
C PRO A 94 0.52 6.55 9.43
N CYS A 95 0.68 7.05 8.20
CA CYS A 95 -0.32 7.88 7.56
C CYS A 95 -1.57 7.06 7.26
N LYS A 96 -2.61 7.74 6.78
CA LYS A 96 -3.89 7.04 6.59
C LYS A 96 -3.76 5.93 5.56
N GLU A 97 -2.91 6.10 4.55
CA GLU A 97 -2.76 5.06 3.54
C GLU A 97 -2.01 3.85 4.08
N CYS A 98 -0.97 4.10 4.88
CA CYS A 98 -0.27 2.98 5.50
C CYS A 98 -1.17 2.29 6.52
N SER A 99 -1.99 3.06 7.23
CA SER A 99 -2.91 2.46 8.21
C SER A 99 -3.90 1.51 7.54
N LYS A 100 -4.34 1.84 6.32
CA LYS A 100 -5.23 0.93 5.59
C LYS A 100 -4.52 -0.38 5.29
N LEU A 101 -3.26 -0.29 4.82
CA LEU A 101 -2.47 -1.50 4.55
C LEU A 101 -2.23 -2.32 5.81
N ILE A 102 -1.93 -1.65 6.93
CA ILE A 102 -1.70 -2.35 8.19
C ILE A 102 -2.94 -3.16 8.58
N ILE A 103 -4.12 -2.54 8.47
CA ILE A 103 -5.36 -3.22 8.81
C ILE A 103 -5.59 -4.41 7.88
N GLN A 104 -5.41 -4.19 6.57
CA GLN A 104 -5.75 -5.26 5.63
C GLN A 104 -4.73 -6.39 5.65
N SER A 105 -3.49 -6.11 6.08
CA SER A 105 -2.47 -7.14 6.10
C SER A 105 -2.51 -7.97 7.37
N GLY A 106 -3.49 -7.74 8.25
CA GLY A 106 -3.60 -8.55 9.45
C GLY A 106 -2.72 -8.14 10.60
N ILE A 107 -2.01 -7.02 10.49
CA ILE A 107 -1.20 -6.54 11.60
C ILE A 107 -2.11 -6.01 12.70
N ARG A 108 -1.82 -6.37 13.95
CA ARG A 108 -2.74 -6.13 15.06
C ARG A 108 -2.33 -5.01 15.99
N LYS A 109 -1.12 -4.48 15.89
CA LYS A 109 -0.66 -3.48 16.84
C LYS A 109 0.41 -2.60 16.20
N VAL A 110 0.31 -1.29 16.46
CA VAL A 110 1.27 -0.30 15.99
C VAL A 110 2.02 0.23 17.19
N ILE A 111 3.33 0.10 17.18
CA ILE A 111 4.18 0.61 18.25
C ILE A 111 5.04 1.71 17.67
N THR A 112 4.96 2.91 18.23
CA THR A 112 5.71 4.02 17.67
C THR A 112 5.83 5.12 18.72
N SER A 113 6.23 6.30 18.27
CA SER A 113 6.34 7.47 19.13
C SER A 113 5.24 8.45 18.78
N LYS A 114 4.84 9.22 19.79
CA LYS A 114 3.77 10.19 19.60
C LYS A 114 4.21 11.22 18.56
N PRO A 115 3.36 11.56 17.60
CA PRO A 115 3.75 12.52 16.57
C PRO A 115 4.07 13.89 17.15
N CYS A 116 5.15 14.48 16.65
CA CYS A 116 5.39 15.91 16.87
C CYS A 116 4.20 16.68 16.32
N LYS A 117 3.41 17.31 17.20
CA LYS A 117 2.19 17.96 16.77
C LYS A 117 2.41 19.35 16.19
N ASP A 118 3.62 19.61 15.69
CA ASP A 118 3.85 20.57 14.62
C ASP A 118 3.85 19.88 13.26
N SER A 119 3.53 18.59 13.21
CA SER A 119 3.62 17.82 11.97
C SER A 119 2.59 18.27 10.94
N SER A 120 3.00 18.20 9.67
CA SER A 120 2.08 18.40 8.55
C SER A 120 1.27 17.16 8.24
N TRP A 121 1.53 16.04 8.93
CA TRP A 121 0.80 14.80 8.77
C TRP A 121 -0.32 14.61 9.80
N LEU A 122 -0.62 15.64 10.60
CA LEU A 122 -1.55 15.47 11.72
C LEU A 122 -2.94 15.08 11.24
N GLU A 123 -3.41 15.69 10.15
CA GLU A 123 -4.73 15.33 9.62
C GLU A 123 -4.75 13.90 9.12
N SER A 124 -3.73 13.50 8.34
CA SER A 124 -3.64 12.12 7.89
C SER A 124 -3.61 11.16 9.07
N PHE A 125 -2.91 11.52 10.16
CA PHE A 125 -2.84 10.66 11.33
C PHE A 125 -4.18 10.56 12.05
N SER A 126 -4.98 11.63 11.99
CA SER A 126 -6.30 11.59 12.62
C SER A 126 -7.18 10.54 11.97
N PHE A 127 -7.10 10.40 10.64
CA PHE A 127 -7.86 9.37 9.96
C PHE A 127 -7.29 7.99 10.27
N SER A 128 -5.97 7.88 10.40
CA SER A 128 -5.35 6.61 10.81
C SER A 128 -5.92 6.13 12.14
N ASN A 129 -6.04 7.04 13.12
CA ASN A 129 -6.48 6.65 14.45
C ASN A 129 -7.95 6.29 14.47
N GLU A 130 -8.76 6.98 13.68
CA GLU A 130 -10.17 6.63 13.57
C GLU A 130 -10.32 5.21 13.03
N MET A 131 -9.55 4.84 12.00
CA MET A 131 -9.65 3.51 11.41
C MET A 131 -9.08 2.43 12.34
N PHE A 132 -7.92 2.69 12.96
CA PHE A 132 -7.32 1.72 13.89
C PHE A 132 -8.25 1.40 15.05
N ASP A 133 -8.84 2.43 15.68
CA ASP A 133 -9.64 2.21 16.88
C ASP A 133 -10.94 1.47 16.58
N GLU A 134 -11.58 1.79 15.46
CA GLU A 134 -12.81 1.10 15.10
C GLU A 134 -12.53 -0.31 14.60
N CYS A 135 -11.43 -0.53 13.90
CA CYS A 135 -11.10 -1.85 13.38
C CYS A 135 -10.33 -2.72 14.37
N GLY A 136 -10.02 -2.19 15.55
CA GLY A 136 -9.44 -3.01 16.59
C GLY A 136 -7.95 -3.24 16.51
N ILE A 137 -7.19 -2.32 15.92
CA ILE A 137 -5.73 -2.38 15.95
C ILE A 137 -5.27 -1.52 17.11
N GLU A 138 -4.45 -2.09 17.99
CA GLU A 138 -3.95 -1.35 19.14
C GLU A 138 -2.86 -0.37 18.70
N VAL A 139 -2.78 0.74 19.42
CA VAL A 139 -1.68 1.69 19.27
C VAL A 139 -0.96 1.79 20.60
N GLU A 140 0.35 1.61 20.59
CA GLU A 140 1.15 1.79 21.80
C GLU A 140 2.23 2.83 21.53
N TYR A 141 2.31 3.84 22.40
CA TYR A 141 3.36 4.84 22.34
C TYR A 141 4.41 4.53 23.38
N LEU A 142 5.68 4.59 22.97
CA LEU A 142 6.79 4.36 23.89
C LEU A 142 7.09 5.62 24.71
N LYS B 3 -7.01 -15.02 -22.59
CA LYS B 3 -7.01 -15.28 -21.15
C LYS B 3 -7.04 -13.98 -20.36
N ALA B 4 -6.15 -13.06 -20.71
CA ALA B 4 -6.12 -11.77 -20.00
C ALA B 4 -7.48 -11.08 -20.07
N GLU B 5 -8.15 -11.18 -21.23
CA GLU B 5 -9.44 -10.55 -21.39
C GLU B 5 -10.51 -11.21 -20.52
N LYS B 6 -10.48 -12.55 -20.43
CA LYS B 6 -11.42 -13.26 -19.56
C LYS B 6 -11.17 -12.93 -18.09
N PHE B 7 -9.91 -12.78 -17.69
CA PHE B 7 -9.65 -12.38 -16.30
C PHE B 7 -10.15 -10.97 -16.05
N TYR B 8 -9.96 -10.06 -17.00
CA TYR B 8 -10.48 -8.70 -16.84
C TYR B 8 -12.00 -8.74 -16.67
N SER B 9 -12.68 -9.53 -17.48
CA SER B 9 -14.13 -9.67 -17.34
C SER B 9 -14.51 -10.24 -15.99
N LEU B 10 -13.81 -11.30 -15.54
CA LEU B 10 -14.06 -11.83 -14.20
C LEU B 10 -13.86 -10.76 -13.14
N ALA B 11 -12.78 -9.97 -13.27
CA ALA B 11 -12.52 -8.90 -12.32
C ALA B 11 -13.66 -7.88 -12.30
N CYS B 12 -14.17 -7.50 -13.48
CA CYS B 12 -15.31 -6.58 -13.53
C CYS B 12 -16.48 -7.11 -12.73
N TYR B 13 -16.81 -8.39 -12.92
CA TYR B 13 -17.93 -8.99 -12.19
C TYR B 13 -17.67 -9.04 -10.69
N HIS B 14 -16.43 -9.36 -10.30
CA HIS B 14 -16.05 -9.35 -8.89
C HIS B 14 -16.35 -8.00 -8.26
N ALA B 15 -15.96 -6.92 -8.94
CA ALA B 15 -16.20 -5.58 -8.43
C ALA B 15 -17.69 -5.32 -8.28
N GLN B 16 -18.49 -5.64 -9.31
CA GLN B 16 -19.93 -5.40 -9.24
C GLN B 16 -20.58 -6.20 -8.12
N LEU B 17 -20.09 -7.41 -7.86
CA LEU B 17 -20.68 -8.23 -6.80
C LEU B 17 -20.35 -7.69 -5.41
N PHE B 18 -19.10 -7.31 -5.17
CA PHE B 18 -18.61 -7.08 -3.80
C PHE B 18 -18.42 -5.62 -3.43
N SER B 19 -17.98 -4.75 -4.34
CA SER B 19 -17.60 -3.40 -3.95
C SER B 19 -18.82 -2.57 -3.59
N LYS B 20 -18.73 -1.84 -2.47
CA LYS B 20 -19.81 -0.99 -2.01
C LYS B 20 -19.64 0.47 -2.43
N ASP B 21 -18.58 0.81 -3.16
CA ASP B 21 -18.40 2.18 -3.64
C ASP B 21 -19.60 2.56 -4.51
N PRO B 22 -20.30 3.66 -4.22
CA PRO B 22 -21.49 4.02 -4.99
C PRO B 22 -21.19 4.60 -6.36
N ASN B 23 -19.94 4.93 -6.66
CA ASN B 23 -19.58 5.56 -7.92
C ASN B 23 -18.78 4.65 -8.84
N THR B 24 -17.74 4.01 -8.32
CA THR B 24 -16.75 3.31 -9.14
C THR B 24 -16.32 2.05 -8.41
N LYS B 25 -16.74 0.90 -8.90
CA LYS B 25 -16.39 -0.39 -8.32
C LYS B 25 -15.19 -0.95 -9.06
N VAL B 26 -14.14 -1.35 -8.31
CA VAL B 26 -12.86 -1.76 -8.88
C VAL B 26 -12.44 -3.10 -8.27
N ALA B 27 -11.88 -3.98 -9.12
CA ALA B 27 -11.30 -5.22 -8.63
C ALA B 27 -9.97 -5.48 -9.34
N ALA B 28 -9.14 -6.32 -8.75
CA ALA B 28 -7.87 -6.70 -9.35
C ALA B 28 -7.53 -8.15 -9.05
N LEU B 29 -6.85 -8.77 -10.00
CA LEU B 29 -6.40 -10.15 -9.93
C LEU B 29 -4.89 -10.20 -10.16
N VAL B 30 -4.17 -10.88 -9.27
CA VAL B 30 -2.74 -11.11 -9.45
C VAL B 30 -2.56 -12.55 -9.91
N ILE B 31 -1.84 -12.73 -11.02
CA ILE B 31 -1.82 -13.98 -11.77
C ILE B 31 -0.38 -14.34 -12.11
N ASP B 32 -0.01 -15.60 -11.91
CA ASP B 32 1.35 -16.04 -12.15
C ASP B 32 1.51 -16.49 -13.61
N ASN B 33 2.71 -16.97 -13.95
CA ASN B 33 3.01 -17.27 -15.34
C ASN B 33 2.29 -18.49 -15.87
N ASN B 34 1.63 -19.25 -15.01
CA ASN B 34 0.78 -20.36 -15.45
C ASN B 34 -0.69 -19.96 -15.52
N ASN B 35 -0.98 -18.66 -15.43
CA ASN B 35 -2.34 -18.12 -15.39
C ASN B 35 -3.12 -18.60 -14.17
N ASN B 36 -2.42 -19.00 -13.11
CA ASN B 36 -3.11 -19.27 -11.85
C ASN B 36 -3.24 -17.99 -11.04
N ILE B 37 -4.35 -17.92 -10.31
CA ILE B 37 -4.67 -16.75 -9.50
C ILE B 37 -3.95 -16.84 -8.16
N ALA B 38 -3.12 -15.85 -7.87
CA ALA B 38 -2.38 -15.80 -6.62
C ALA B 38 -3.06 -14.90 -5.58
N SER B 39 -3.73 -13.83 -6.01
CA SER B 39 -4.42 -12.94 -5.06
C SER B 39 -5.48 -12.14 -5.79
N VAL B 40 -6.50 -11.71 -5.03
CA VAL B 40 -7.66 -11.00 -5.56
C VAL B 40 -8.02 -9.90 -4.55
N GLY B 41 -8.45 -8.75 -5.05
CA GLY B 41 -8.92 -7.69 -4.17
C GLY B 41 -9.98 -6.85 -4.86
N TYR B 42 -10.74 -6.12 -4.04
CA TYR B 42 -11.67 -5.11 -4.55
C TYR B 42 -11.60 -3.89 -3.65
N ASN B 43 -12.13 -2.76 -4.13
CA ASN B 43 -12.04 -1.53 -3.36
C ASN B 43 -13.14 -1.50 -2.31
N GLY B 44 -12.79 -1.02 -1.12
CA GLY B 44 -13.74 -0.96 -0.02
C GLY B 44 -13.08 -0.33 1.20
N LEU B 45 -13.92 0.00 2.17
CA LEU B 45 -13.39 0.53 3.41
C LEU B 45 -12.67 -0.60 4.15
N PRO B 46 -11.81 -0.29 5.12
CA PRO B 46 -11.11 -1.37 5.82
C PRO B 46 -12.10 -2.32 6.47
N ARG B 47 -11.68 -3.58 6.59
CA ARG B 47 -12.49 -4.62 7.22
C ARG B 47 -12.98 -4.19 8.60
N GLY B 48 -14.29 -4.20 8.79
CA GLY B 48 -14.88 -3.88 10.08
C GLY B 48 -15.13 -2.41 10.33
N PHE B 49 -14.73 -1.53 9.41
CA PHE B 49 -14.98 -0.10 9.54
C PHE B 49 -16.43 0.17 9.11
N GLU B 50 -17.25 0.75 9.99
CA GLU B 50 -18.65 0.92 9.66
C GLU B 50 -18.81 1.75 8.39
N GLU B 51 -19.62 1.28 7.46
CA GLU B 51 -19.72 1.87 6.12
C GLU B 51 -21.00 2.71 6.06
N THR B 52 -20.90 3.91 6.62
CA THR B 52 -22.03 4.83 6.60
C THR B 52 -22.08 5.56 5.25
N SER B 53 -23.23 6.15 4.97
CA SER B 53 -23.36 6.91 3.72
C SER B 53 -22.36 8.05 3.65
N ASP B 54 -22.13 8.72 4.79
CA ASP B 54 -21.17 9.82 4.85
C ASP B 54 -19.74 9.37 4.55
N ARG B 55 -19.36 8.18 5.00
CA ARG B 55 -18.00 7.70 4.76
C ARG B 55 -17.79 7.25 3.33
N TRP B 56 -18.86 6.93 2.59
CA TRP B 56 -18.75 6.52 1.19
C TRP B 56 -18.99 7.66 0.21
N GLU B 57 -19.41 8.82 0.68
CA GLU B 57 -19.57 9.96 -0.20
C GLU B 57 -18.21 10.55 -0.58
N LYS B 58 -18.12 11.05 -1.80
CA LYS B 58 -16.93 11.74 -2.30
C LYS B 58 -16.96 13.18 -1.81
N PRO B 59 -15.83 13.73 -1.36
CA PRO B 59 -14.44 13.25 -1.34
C PRO B 59 -14.03 12.58 -0.04
N MET B 60 -14.94 12.54 0.94
CA MET B 60 -14.60 11.95 2.25
C MET B 60 -14.15 10.50 2.12
N LYS B 61 -14.67 9.77 1.12
CA LYS B 61 -14.35 8.36 1.02
C LYS B 61 -12.85 8.12 0.75
N TYR B 62 -12.15 9.09 0.17
CA TYR B 62 -10.75 8.85 -0.16
C TYR B 62 -9.92 8.68 1.11
N ASN B 63 -10.34 9.28 2.22
CA ASN B 63 -9.62 9.10 3.48
C ASN B 63 -9.72 7.68 4.02
N TYR B 64 -10.70 6.90 3.58
CA TYR B 64 -10.94 5.57 4.15
C TYR B 64 -10.85 4.42 3.15
N VAL B 65 -11.09 4.66 1.87
CA VAL B 65 -11.24 3.55 0.94
C VAL B 65 -9.90 2.91 0.66
N VAL B 66 -9.87 1.59 0.66
CA VAL B 66 -8.68 0.82 0.29
C VAL B 66 -8.85 0.45 -1.17
N HIS B 67 -7.81 0.69 -1.97
CA HIS B 67 -7.88 0.41 -3.39
C HIS B 67 -7.77 -1.08 -3.66
N ALA B 68 -8.33 -1.50 -4.80
CA ALA B 68 -8.39 -2.92 -5.14
C ALA B 68 -7.00 -3.53 -5.25
N GLN B 69 -6.08 -2.84 -5.92
CA GLN B 69 -4.74 -3.37 -6.10
C GLN B 69 -3.97 -3.37 -4.78
N ALA B 70 -4.13 -2.32 -3.97
CA ALA B 70 -3.57 -2.31 -2.63
C ALA B 70 -4.11 -3.48 -1.79
N ASN B 71 -5.41 -3.76 -1.91
CA ASN B 71 -6.01 -4.88 -1.16
C ASN B 71 -5.42 -6.22 -1.58
N ALA B 72 -5.29 -6.45 -2.89
CA ALA B 72 -4.77 -7.74 -3.35
C ALA B 72 -3.36 -7.99 -2.85
N ILE B 73 -2.55 -6.93 -2.77
CA ILE B 73 -1.17 -7.04 -2.30
C ILE B 73 -1.13 -7.20 -0.78
N ALA B 74 -1.93 -6.41 -0.07
CA ALA B 74 -2.00 -6.53 1.38
C ALA B 74 -2.49 -7.90 1.82
N THR B 75 -3.44 -8.49 1.06
CA THR B 75 -3.91 -9.83 1.38
C THR B 75 -2.79 -10.85 1.23
N ALA B 76 -1.97 -10.70 0.18
CA ALA B 76 -0.84 -11.60 -0.02
C ALA B 76 0.16 -11.49 1.11
N ALA B 77 0.41 -10.27 1.60
CA ALA B 77 1.27 -10.12 2.78
C ALA B 77 0.63 -10.78 3.99
N ARG B 78 -0.69 -10.64 4.15
CA ARG B 78 -1.37 -11.23 5.29
C ARG B 78 -1.23 -12.74 5.30
N ASN B 79 -1.42 -13.38 4.15
CA ASN B 79 -1.44 -14.83 4.06
C ASN B 79 -0.09 -15.42 3.67
N GLY B 80 0.92 -14.59 3.43
CA GLY B 80 2.22 -15.10 3.00
C GLY B 80 2.18 -15.76 1.64
N VAL B 81 1.54 -15.13 0.66
CA VAL B 81 1.45 -15.66 -0.70
C VAL B 81 2.39 -14.84 -1.57
N ARG B 82 3.41 -15.49 -2.13
CA ARG B 82 4.43 -14.74 -2.86
C ARG B 82 3.91 -14.25 -4.20
N LEU B 83 4.15 -12.97 -4.49
CA LEU B 83 3.70 -12.35 -5.72
C LEU B 83 4.83 -12.05 -6.69
N ASP B 84 6.09 -12.27 -6.29
CA ASP B 84 7.24 -11.91 -7.14
C ASP B 84 7.13 -12.52 -8.54
N GLY B 85 7.13 -11.68 -9.55
CA GLY B 85 7.07 -12.16 -10.92
C GLY B 85 5.68 -12.23 -11.52
N CYS B 86 4.64 -11.93 -10.74
CA CYS B 86 3.28 -12.06 -11.25
C CYS B 86 2.88 -10.84 -12.07
N SER B 87 1.74 -10.98 -12.76
CA SER B 87 1.05 -9.90 -13.45
C SER B 87 -0.18 -9.49 -12.65
N ILE B 88 -0.62 -8.24 -12.83
CA ILE B 88 -1.83 -7.78 -12.17
C ILE B 88 -2.81 -7.30 -13.23
N ILE B 89 -4.01 -7.85 -13.19
CA ILE B 89 -5.12 -7.49 -14.07
C ILE B 89 -6.10 -6.68 -13.25
N THR B 90 -6.34 -5.45 -13.66
CA THR B 90 -7.14 -4.56 -12.85
C THR B 90 -8.18 -3.86 -13.73
N THR B 91 -9.37 -3.66 -13.18
CA THR B 91 -10.43 -2.99 -13.93
C THR B 91 -10.21 -1.49 -14.03
N LEU B 92 -9.27 -0.94 -13.27
CA LEU B 92 -8.92 0.47 -13.35
C LEU B 92 -7.40 0.60 -13.27
N PHE B 93 -6.86 1.52 -14.07
CA PHE B 93 -5.43 1.79 -14.02
C PHE B 93 -5.02 2.17 -12.60
N PRO B 94 -3.89 1.66 -12.10
CA PRO B 94 -3.51 1.96 -10.71
C PRO B 94 -3.06 3.40 -10.53
N CYS B 95 -3.50 4.01 -9.42
CA CYS B 95 -3.02 5.32 -9.04
C CYS B 95 -1.51 5.24 -8.73
N LYS B 96 -0.90 6.41 -8.47
CA LYS B 96 0.54 6.43 -8.23
C LYS B 96 0.90 5.62 -6.99
N GLU B 97 0.05 5.65 -5.95
CA GLU B 97 0.36 4.88 -4.74
C GLU B 97 0.27 3.39 -5.00
N CYS B 98 -0.76 2.95 -5.74
CA CYS B 98 -0.84 1.53 -6.08
C CYS B 98 0.34 1.14 -6.96
N SER B 99 0.80 2.05 -7.82
CA SER B 99 1.92 1.75 -8.70
C SER B 99 3.19 1.50 -7.91
N LYS B 100 3.41 2.26 -6.83
CA LYS B 100 4.54 2.02 -5.96
C LYS B 100 4.46 0.63 -5.34
N LEU B 101 3.27 0.25 -4.89
CA LEU B 101 3.09 -1.09 -4.31
C LEU B 101 3.36 -2.17 -5.34
N ILE B 102 2.82 -2.00 -6.55
CA ILE B 102 3.05 -2.96 -7.62
C ILE B 102 4.54 -3.14 -7.88
N ILE B 103 5.28 -2.03 -8.01
CA ILE B 103 6.73 -2.12 -8.23
C ILE B 103 7.43 -2.84 -7.08
N GLN B 104 7.11 -2.45 -5.84
CA GLN B 104 7.82 -3.02 -4.69
C GLN B 104 7.43 -4.46 -4.39
N SER B 105 6.26 -4.91 -4.82
CA SER B 105 5.88 -6.30 -4.57
C SER B 105 6.34 -7.25 -5.66
N GLY B 106 7.17 -6.78 -6.61
CA GLY B 106 7.72 -7.65 -7.63
C GLY B 106 6.79 -7.99 -8.78
N ILE B 107 5.62 -7.36 -8.85
CA ILE B 107 4.72 -7.55 -10.00
C ILE B 107 5.35 -6.92 -11.23
N ARG B 108 5.36 -7.67 -12.35
CA ARG B 108 6.13 -7.33 -13.55
C ARG B 108 5.32 -6.65 -14.65
N LYS B 109 3.99 -6.68 -14.56
CA LYS B 109 3.18 -6.34 -15.72
C LYS B 109 1.79 -5.93 -15.24
N VAL B 110 1.28 -4.84 -15.79
CA VAL B 110 -0.06 -4.34 -15.50
C VAL B 110 -0.90 -4.49 -16.77
N ILE B 111 -2.06 -5.12 -16.62
CA ILE B 111 -3.00 -5.30 -17.71
C ILE B 111 -4.31 -4.63 -17.29
N THR B 112 -4.76 -3.67 -18.07
CA THR B 112 -5.97 -2.92 -17.71
C THR B 112 -6.53 -2.28 -18.97
N SER B 113 -7.48 -1.37 -18.80
CA SER B 113 -8.00 -0.59 -19.91
C SER B 113 -7.38 0.81 -19.89
N LYS B 114 -7.24 1.42 -21.06
CA LYS B 114 -6.76 2.79 -21.12
C LYS B 114 -7.73 3.70 -20.37
N PRO B 115 -7.23 4.57 -19.50
CA PRO B 115 -8.14 5.45 -18.74
C PRO B 115 -8.99 6.31 -19.64
N CYS B 116 -10.24 6.54 -19.21
CA CYS B 116 -11.12 7.49 -19.88
C CYS B 116 -10.57 8.90 -19.68
N LYS B 117 -10.18 9.56 -20.77
CA LYS B 117 -9.53 10.88 -20.68
C LYS B 117 -10.44 11.97 -20.06
N ASP B 118 -11.63 11.63 -19.56
CA ASP B 118 -12.38 12.47 -18.65
C ASP B 118 -12.14 12.09 -17.19
N SER B 119 -11.17 11.21 -16.93
CA SER B 119 -10.91 10.74 -15.57
C SER B 119 -10.24 11.84 -14.75
N SER B 120 -10.60 11.90 -13.47
CA SER B 120 -9.95 12.81 -12.52
C SER B 120 -8.63 12.26 -11.99
N TRP B 121 -8.23 11.06 -12.42
CA TRP B 121 -7.01 10.42 -11.94
C TRP B 121 -5.86 10.48 -12.97
N LEU B 122 -6.01 11.27 -14.04
CA LEU B 122 -5.01 11.29 -15.09
C LEU B 122 -3.65 11.76 -14.59
N GLU B 123 -3.63 12.74 -13.67
CA GLU B 123 -2.36 13.23 -13.14
C GLU B 123 -1.67 12.12 -12.34
N SER B 124 -2.42 11.44 -11.47
CA SER B 124 -1.87 10.34 -10.71
C SER B 124 -1.36 9.22 -11.63
N PHE B 125 -2.13 8.91 -12.68
CA PHE B 125 -1.70 7.88 -13.64
C PHE B 125 -0.44 8.30 -14.37
N SER B 126 -0.30 9.60 -14.63
CA SER B 126 0.90 10.13 -15.26
C SER B 126 2.15 9.79 -14.45
N PHE B 127 2.07 9.91 -13.12
CA PHE B 127 3.21 9.52 -12.32
C PHE B 127 3.38 8.01 -12.29
N SER B 128 2.27 7.27 -12.32
CA SER B 128 2.34 5.82 -12.37
C SER B 128 3.16 5.35 -13.57
N ASN B 129 2.92 5.93 -14.75
CA ASN B 129 3.56 5.44 -15.96
C ASN B 129 5.03 5.84 -16.01
N GLU B 130 5.37 7.00 -15.45
CA GLU B 130 6.77 7.39 -15.36
C GLU B 130 7.54 6.41 -14.49
N MET B 131 6.92 5.96 -13.38
CA MET B 131 7.57 5.00 -12.51
C MET B 131 7.63 3.61 -13.14
N PHE B 132 6.54 3.19 -13.80
CA PHE B 132 6.52 1.89 -14.48
C PHE B 132 7.58 1.83 -15.56
N ASP B 133 7.71 2.90 -16.34
CA ASP B 133 8.65 2.91 -17.46
C ASP B 133 10.09 2.86 -16.98
N GLU B 134 10.46 3.70 -16.01
CA GLU B 134 11.83 3.66 -15.52
C GLU B 134 12.12 2.35 -14.81
N CYS B 135 11.14 1.78 -14.09
CA CYS B 135 11.38 0.58 -13.32
C CYS B 135 11.13 -0.70 -14.13
N GLY B 136 10.67 -0.57 -15.36
CA GLY B 136 10.59 -1.74 -16.22
C GLY B 136 9.38 -2.60 -16.00
N ILE B 137 8.27 -2.02 -15.57
CA ILE B 137 7.02 -2.75 -15.46
C ILE B 137 6.26 -2.55 -16.77
N GLU B 138 5.85 -3.66 -17.39
CA GLU B 138 5.15 -3.56 -18.66
C GLU B 138 3.70 -3.18 -18.42
N VAL B 139 3.17 -2.34 -19.30
CA VAL B 139 1.78 -1.93 -19.24
C VAL B 139 1.10 -2.43 -20.50
N GLU B 140 0.04 -3.21 -20.34
CA GLU B 140 -0.66 -3.77 -21.48
C GLU B 140 -2.12 -3.37 -21.39
N TYR B 141 -2.64 -2.78 -22.46
CA TYR B 141 -4.01 -2.31 -22.47
C TYR B 141 -4.88 -3.27 -23.27
N LEU B 142 -6.06 -3.56 -22.73
CA LEU B 142 -7.03 -4.38 -23.43
C LEU B 142 -7.99 -3.49 -24.23
#